data_3LPN
#
_entry.id   3LPN
#
_cell.length_a   38.576
_cell.length_b   141.162
_cell.length_c   50.039
_cell.angle_alpha   90.00
_cell.angle_beta   95.97
_cell.angle_gamma   90.00
#
_symmetry.space_group_name_H-M   'P 1 21 1'
#
loop_
_entity.id
_entity.type
_entity.pdbx_description
1 polymer 'Ribose-phosphate pyrophosphokinase'
2 non-polymer 'DIPHOSPHOMETHYLPHOSPHONIC ACID ADENOSYL ESTER'
3 non-polymer 'SULFATE ION'
4 water water
#
_entity_poly.entity_id   1
_entity_poly.type   'polypeptide(L)'
_entity_poly.pdbx_seq_one_letter_code
;MKIIALRSSLKLAARIAEELKTEPVMPDERRFPDGELYLRYDEDLTGHNIFIIGNTHSDAEVMEMILTLSAIQDYRTKSV
NIIAPYYGYARQHQRYKNGEPISSQILTEIYSSYSNSIATVDIHDEKTLSYSKVKFSDLHANDAIVRYYKNVDVDYVVSP
DDGGLARVADISAKLGKKHFFIEKKRIDDRTVEMKVPNVDVNGKKLLIVDDIISTGGTIAKSSGLLREKGASKIYVSAVH
GLFVNGSENKILQNADEIHVTDTVESKFSDISVYQEVCNYIRDIDA
;
_entity_poly.pdbx_strand_id   A,B
#
# COMPACT_ATOMS: atom_id res chain seq x y z
N MET A 1 -18.35 -6.29 22.39
CA MET A 1 -17.73 -6.21 21.07
C MET A 1 -17.13 -4.82 20.86
N LYS A 2 -16.14 -4.72 19.98
CA LYS A 2 -15.64 -3.42 19.56
C LYS A 2 -15.67 -3.34 18.06
N ILE A 3 -16.23 -2.24 17.54
CA ILE A 3 -16.26 -1.96 16.11
C ILE A 3 -15.19 -0.92 15.80
N ILE A 4 -14.22 -1.28 14.96
CA ILE A 4 -13.24 -0.30 14.49
C ILE A 4 -13.68 0.23 13.14
N ALA A 5 -13.74 1.55 13.03
CA ALA A 5 -14.20 2.20 11.81
C ALA A 5 -13.02 2.87 11.13
N LEU A 6 -12.59 2.31 10.00
CA LEU A 6 -11.47 2.86 9.26
C LEU A 6 -11.94 3.99 8.33
N ARG A 7 -11.00 4.79 7.87
CA ARG A 7 -11.31 5.98 7.06
C ARG A 7 -12.28 5.74 5.91
N SER A 8 -12.05 4.68 5.13
CA SER A 8 -12.86 4.43 3.94
C SER A 8 -14.32 4.10 4.27
N SER A 9 -14.57 3.67 5.50
CA SER A 9 -15.87 3.10 5.86
C SER A 9 -16.55 3.79 7.03
N LEU A 10 -16.26 5.07 7.25
CA LEU A 10 -16.81 5.75 8.41
C LEU A 10 -18.34 5.75 8.43
N LYS A 11 -18.95 5.95 7.27
CA LYS A 11 -20.42 6.04 7.18
C LYS A 11 -21.10 4.72 7.53
N LEU A 12 -20.77 3.68 6.80
CA LEU A 12 -21.32 2.36 7.06
C LEU A 12 -20.99 1.86 8.47
N ALA A 13 -19.74 2.05 8.88
CA ALA A 13 -19.32 1.58 10.19
C ALA A 13 -20.07 2.29 11.32
N ALA A 14 -20.32 3.58 11.13
CA ALA A 14 -21.11 4.35 12.10
C ALA A 14 -22.54 3.83 12.16
N ARG A 15 -23.15 3.62 10.99
CA ARG A 15 -24.50 3.10 10.92
C ARG A 15 -24.60 1.75 11.64
N ILE A 16 -23.57 0.94 11.45
CA ILE A 16 -23.50 -0.38 12.06
C ILE A 16 -23.37 -0.29 13.57
N ALA A 17 -22.43 0.53 14.03
CA ALA A 17 -22.17 0.68 15.45
C ALA A 17 -23.42 1.16 16.18
N GLU A 18 -24.07 2.19 15.63
CA GLU A 18 -25.28 2.73 16.25
C GLU A 18 -26.34 1.66 16.40
N GLU A 19 -26.56 0.89 15.34
CA GLU A 19 -27.54 -0.18 15.36
C GLU A 19 -27.20 -1.20 16.45
N LEU A 20 -25.90 -1.40 16.68
CA LEU A 20 -25.44 -2.35 17.67
C LEU A 20 -25.27 -1.71 19.03
N LYS A 21 -25.58 -0.42 19.12
CA LYS A 21 -25.42 0.35 20.35
C LYS A 21 -24.01 0.21 20.91
N THR A 22 -23.01 0.57 20.09
CA THR A 22 -21.62 0.48 20.51
C THR A 22 -20.79 1.58 19.84
N GLU A 23 -19.61 1.84 20.36
CA GLU A 23 -18.78 2.91 19.82
C GLU A 23 -18.16 2.50 18.50
N PRO A 24 -18.19 3.39 17.51
CA PRO A 24 -17.41 3.22 16.28
C PRO A 24 -16.01 3.73 16.57
N VAL A 25 -15.11 2.84 17.00
CA VAL A 25 -13.76 3.24 17.35
C VAL A 25 -12.95 3.61 16.12
N MET A 26 -12.56 4.89 16.04
CA MET A 26 -11.73 5.38 14.95
C MET A 26 -10.30 5.54 15.41
N PRO A 27 -9.34 5.33 14.51
CA PRO A 27 -7.97 5.57 14.92
C PRO A 27 -7.62 7.05 14.93
N ASP A 28 -6.58 7.42 15.68
CA ASP A 28 -5.87 8.65 15.41
C ASP A 28 -4.98 8.28 14.23
N GLU A 29 -5.03 9.08 13.17
CA GLU A 29 -4.35 8.73 11.94
C GLU A 29 -3.76 9.94 11.26
N ARG A 30 -2.52 9.81 10.82
CA ARG A 30 -1.87 10.91 10.13
C ARG A 30 -0.72 10.35 9.32
N ARG A 31 -0.21 11.17 8.41
CA ARG A 31 0.99 10.82 7.67
C ARG A 31 2.18 11.55 8.27
N PHE A 32 3.29 10.83 8.41
CA PHE A 32 4.54 11.44 8.81
C PHE A 32 5.00 12.34 7.67
N PRO A 33 5.94 13.26 7.94
CA PRO A 33 6.41 14.13 6.87
C PRO A 33 6.92 13.35 5.66
N ASP A 34 7.49 12.16 5.87
CA ASP A 34 8.01 11.38 4.76
C ASP A 34 6.95 10.55 4.02
N GLY A 35 5.71 10.69 4.44
CA GLY A 35 4.60 10.04 3.75
C GLY A 35 4.17 8.71 4.35
N GLU A 36 4.91 8.19 5.32
CA GLU A 36 4.50 6.94 5.96
C GLU A 36 3.27 7.12 6.84
N LEU A 37 2.46 6.06 6.91
CA LEU A 37 1.19 6.09 7.63
C LEU A 37 1.38 5.83 9.12
N TYR A 38 0.70 6.62 9.94
CA TYR A 38 0.67 6.41 11.39
C TYR A 38 -0.75 6.19 11.88
N LEU A 39 -0.94 5.20 12.74
CA LEU A 39 -2.24 4.91 13.34
C LEU A 39 -2.09 4.65 14.82
N ARG A 40 -3.14 4.93 15.57
CA ARG A 40 -3.16 4.59 16.98
C ARG A 40 -4.58 4.35 17.49
N TYR A 41 -4.76 3.24 18.23
CA TYR A 41 -6.01 2.94 18.91
C TYR A 41 -5.78 2.93 20.44
N ASP A 42 -6.06 4.05 21.09
CA ASP A 42 -5.72 4.18 22.51
C ASP A 42 -6.73 3.53 23.44
N GLU A 43 -7.90 3.17 22.92
CA GLU A 43 -8.90 2.44 23.69
C GLU A 43 -8.44 1.01 23.96
N ASP A 44 -8.65 0.54 25.19
CA ASP A 44 -8.22 -0.81 25.57
C ASP A 44 -9.16 -1.85 24.97
N LEU A 45 -8.68 -2.57 23.96
CA LEU A 45 -9.49 -3.55 23.27
C LEU A 45 -9.34 -4.95 23.89
N THR A 46 -8.67 -5.03 25.03
CA THR A 46 -8.40 -6.31 25.68
C THR A 46 -9.69 -7.06 25.95
N GLY A 47 -9.73 -8.34 25.57
CA GLY A 47 -10.83 -9.22 25.90
C GLY A 47 -12.11 -9.07 25.10
N HIS A 48 -12.07 -8.24 24.05
CA HIS A 48 -13.24 -8.01 23.22
C HIS A 48 -13.13 -8.68 21.86
N ASN A 49 -14.26 -9.07 21.29
CA ASN A 49 -14.31 -9.46 19.89
C ASN A 49 -14.25 -8.21 19.04
N ILE A 50 -13.23 -8.12 18.18
CA ILE A 50 -13.02 -6.91 17.41
C ILE A 50 -13.49 -7.09 15.98
N PHE A 51 -14.18 -6.09 15.47
CA PHE A 51 -14.62 -6.08 14.09
C PHE A 51 -14.03 -4.85 13.39
N ILE A 52 -13.06 -5.10 12.52
CA ILE A 52 -12.42 -4.02 11.76
C ILE A 52 -13.20 -3.80 10.46
N ILE A 53 -13.69 -2.58 10.27
CA ILE A 53 -14.49 -2.28 9.09
C ILE A 53 -13.78 -1.26 8.19
N GLY A 54 -13.34 -1.73 7.02
CA GLY A 54 -12.71 -0.85 6.05
C GLY A 54 -12.50 -1.54 4.72
N ASN A 55 -12.59 -0.76 3.64
CA ASN A 55 -12.34 -1.29 2.30
C ASN A 55 -10.86 -1.61 2.08
N THR A 56 -10.55 -2.46 1.10
CA THR A 56 -9.19 -2.95 0.88
C THR A 56 -8.78 -2.76 -0.58
N HIS A 57 -9.11 -1.60 -1.12
CA HIS A 57 -9.07 -1.33 -2.55
C HIS A 57 -7.91 -0.39 -2.97
N SER A 58 -7.79 0.76 -2.33
CA SER A 58 -6.68 1.68 -2.63
C SER A 58 -5.41 1.32 -1.88
N ASP A 59 -4.26 1.79 -2.37
CA ASP A 59 -2.98 1.60 -1.67
C ASP A 59 -3.14 2.02 -0.21
N ALA A 60 -3.72 3.19 0.00
CA ALA A 60 -3.88 3.73 1.35
C ALA A 60 -4.77 2.82 2.21
N GLU A 61 -5.84 2.31 1.61
CA GLU A 61 -6.75 1.43 2.34
C GLU A 61 -6.05 0.16 2.78
N VAL A 62 -5.20 -0.39 1.92
CA VAL A 62 -4.47 -1.60 2.25
C VAL A 62 -3.51 -1.33 3.43
N MET A 63 -2.80 -0.22 3.35
CA MET A 63 -1.89 0.16 4.43
C MET A 63 -2.63 0.38 5.74
N GLU A 64 -3.80 1.01 5.67
CA GLU A 64 -4.62 1.26 6.86
C GLU A 64 -5.07 -0.05 7.49
N MET A 65 -5.45 -1.03 6.67
CA MET A 65 -5.86 -2.32 7.18
C MET A 65 -4.68 -3.11 7.79
N ILE A 66 -3.57 -3.17 7.07
CA ILE A 66 -2.40 -3.89 7.56
C ILE A 66 -1.90 -3.31 8.89
N LEU A 67 -1.73 -1.98 8.94
CA LEU A 67 -1.20 -1.37 10.15
C LEU A 67 -2.20 -1.47 11.30
N THR A 68 -3.49 -1.49 11.00
CA THR A 68 -4.49 -1.69 12.05
C THR A 68 -4.32 -3.10 12.63
N LEU A 69 -4.07 -4.08 11.77
CA LEU A 69 -3.91 -5.46 12.21
C LEU A 69 -2.71 -5.63 13.14
N SER A 70 -1.71 -4.78 12.95
CA SER A 70 -0.55 -4.75 13.84
C SER A 70 -0.88 -4.01 15.13
N ALA A 71 -1.52 -2.85 15.01
CA ALA A 71 -1.80 -2.02 16.17
C ALA A 71 -2.61 -2.78 17.22
N ILE A 72 -3.62 -3.52 16.77
CA ILE A 72 -4.52 -4.19 17.70
C ILE A 72 -3.85 -5.34 18.44
N GLN A 73 -2.70 -5.78 17.94
CA GLN A 73 -1.93 -6.84 18.60
C GLN A 73 -1.35 -6.36 19.93
N ASP A 74 -1.45 -5.07 20.19
CA ASP A 74 -1.01 -4.55 21.48
C ASP A 74 -1.94 -5.06 22.57
N TYR A 75 -3.10 -5.58 22.16
CA TYR A 75 -4.12 -6.03 23.10
C TYR A 75 -4.43 -7.52 23.02
N ARG A 76 -4.56 -8.15 24.18
CA ARG A 76 -5.03 -9.53 24.26
C ARG A 76 -6.52 -9.53 23.94
N THR A 77 -6.86 -9.57 22.66
CA THR A 77 -8.25 -9.53 22.23
C THR A 77 -8.84 -10.94 22.17
N LYS A 78 -10.17 -11.01 22.24
CA LYS A 78 -10.89 -12.28 22.17
C LYS A 78 -10.82 -12.86 20.77
N SER A 79 -11.08 -12.01 19.77
CA SER A 79 -10.98 -12.41 18.37
C SER A 79 -10.80 -11.16 17.53
N VAL A 80 -10.29 -11.33 16.32
CA VAL A 80 -10.15 -10.25 15.37
C VAL A 80 -10.87 -10.64 14.09
N ASN A 81 -11.83 -9.82 13.69
CA ASN A 81 -12.65 -10.15 12.54
C ASN A 81 -12.64 -9.01 11.54
N ILE A 82 -12.17 -9.30 10.34
CA ILE A 82 -12.11 -8.30 9.29
C ILE A 82 -13.40 -8.28 8.48
N ILE A 83 -13.98 -7.09 8.36
CA ILE A 83 -15.12 -6.87 7.49
C ILE A 83 -14.74 -5.79 6.49
N ALA A 84 -14.50 -6.17 5.24
CA ALA A 84 -14.19 -5.20 4.19
C ALA A 84 -15.39 -5.08 3.26
N PRO A 85 -16.20 -4.02 3.43
CA PRO A 85 -17.44 -3.91 2.65
C PRO A 85 -17.17 -4.03 1.15
N TYR A 86 -16.16 -3.33 0.65
CA TYR A 86 -15.71 -3.57 -0.72
C TYR A 86 -14.33 -4.17 -0.65
N TYR A 87 -14.19 -5.37 -1.19
CA TYR A 87 -12.93 -6.09 -1.16
C TYR A 87 -12.15 -5.79 -2.44
N GLY A 88 -11.01 -5.12 -2.29
CA GLY A 88 -10.19 -4.79 -3.44
C GLY A 88 -9.52 -5.99 -4.06
N TYR A 89 -9.10 -5.83 -5.31
CA TYR A 89 -8.33 -6.84 -6.04
C TYR A 89 -9.09 -8.15 -6.33
N ALA A 90 -10.37 -8.17 -6.04
CA ALA A 90 -11.21 -9.34 -6.31
C ALA A 90 -11.25 -9.68 -7.80
N ARG A 91 -10.99 -8.67 -8.63
CA ARG A 91 -10.99 -8.85 -10.08
C ARG A 91 -9.74 -9.57 -10.58
N GLN A 92 -8.67 -9.54 -9.80
CA GLN A 92 -7.45 -10.27 -10.13
C GLN A 92 -7.34 -11.52 -9.25
N HIS A 93 -8.21 -12.49 -9.52
CA HIS A 93 -8.34 -13.67 -8.66
C HIS A 93 -7.66 -14.90 -9.28
N GLN A 94 -6.97 -14.67 -10.40
CA GLN A 94 -6.16 -15.70 -11.01
C GLN A 94 -5.13 -15.02 -11.90
N ARG A 95 -4.22 -15.79 -12.49
CA ARG A 95 -3.32 -15.24 -13.48
C ARG A 95 -3.96 -15.34 -14.86
N TYR A 96 -4.07 -14.20 -15.54
CA TYR A 96 -4.64 -14.17 -16.88
C TYR A 96 -3.56 -14.19 -17.96
N LYS A 97 -2.33 -13.95 -17.55
CA LYS A 97 -1.16 -14.15 -18.41
C LYS A 97 -0.02 -14.59 -17.50
N ASN A 98 0.98 -15.25 -18.04
CA ASN A 98 2.11 -15.67 -17.23
C ASN A 98 2.78 -14.48 -16.55
N GLY A 99 3.22 -14.69 -15.32
CA GLY A 99 3.94 -13.66 -14.61
C GLY A 99 3.09 -12.56 -14.03
N GLU A 100 1.77 -12.76 -14.04
CA GLU A 100 0.87 -11.86 -13.32
C GLU A 100 0.75 -12.31 -11.88
N PRO A 101 0.47 -11.36 -10.98
CA PRO A 101 0.16 -11.71 -9.59
C PRO A 101 -1.25 -12.27 -9.53
N ILE A 102 -1.50 -13.19 -8.59
CA ILE A 102 -2.87 -13.46 -8.19
C ILE A 102 -3.09 -12.56 -6.99
N SER A 103 -3.34 -11.29 -7.28
CA SER A 103 -3.39 -10.26 -6.25
C SER A 103 -4.33 -10.61 -5.10
N SER A 104 -5.53 -11.09 -5.42
CA SER A 104 -6.50 -11.39 -4.36
C SER A 104 -6.01 -12.54 -3.49
N GLN A 105 -5.12 -13.37 -4.04
CA GLN A 105 -4.58 -14.49 -3.27
C GLN A 105 -3.60 -14.04 -2.19
N ILE A 106 -2.55 -13.33 -2.58
CA ILE A 106 -1.54 -12.96 -1.60
C ILE A 106 -2.15 -12.03 -0.54
N LEU A 107 -3.01 -11.11 -0.97
CA LEU A 107 -3.64 -10.17 -0.03
C LEU A 107 -4.55 -10.89 0.95
N THR A 108 -5.36 -11.82 0.45
CA THR A 108 -6.22 -12.59 1.34
C THR A 108 -5.40 -13.44 2.31
N GLU A 109 -4.31 -14.03 1.81
CA GLU A 109 -3.39 -14.76 2.68
C GLU A 109 -2.88 -13.85 3.80
N ILE A 110 -2.50 -12.62 3.46
CA ILE A 110 -1.98 -11.70 4.46
C ILE A 110 -3.06 -11.40 5.50
N TYR A 111 -4.22 -10.97 5.05
CA TYR A 111 -5.31 -10.63 5.98
C TYR A 111 -5.67 -11.83 6.86
N SER A 112 -5.66 -13.02 6.27
CA SER A 112 -6.07 -14.23 6.98
C SER A 112 -5.02 -14.64 8.00
N SER A 113 -3.78 -14.22 7.81
CA SER A 113 -2.73 -14.55 8.76
C SER A 113 -2.90 -13.79 10.07
N TYR A 114 -3.58 -12.65 10.01
CA TYR A 114 -3.68 -11.76 11.16
C TYR A 114 -5.10 -11.60 11.68
N SER A 115 -5.98 -12.51 11.32
CA SER A 115 -7.36 -12.44 11.76
C SER A 115 -7.96 -13.81 11.98
N ASN A 116 -9.11 -13.85 12.64
CA ASN A 116 -9.84 -15.09 12.88
C ASN A 116 -10.95 -15.31 11.86
N SER A 117 -11.32 -14.25 11.16
CA SER A 117 -12.34 -14.36 10.12
C SER A 117 -12.28 -13.15 9.19
N ILE A 118 -12.77 -13.33 7.97
CA ILE A 118 -12.89 -12.23 7.02
C ILE A 118 -14.29 -12.26 6.44
N ALA A 119 -14.84 -11.09 6.12
CA ALA A 119 -16.10 -11.02 5.42
C ALA A 119 -16.10 -9.81 4.49
N THR A 120 -16.88 -9.88 3.43
CA THR A 120 -17.05 -8.76 2.52
C THR A 120 -18.47 -8.80 1.97
N VAL A 121 -18.91 -7.72 1.33
CA VAL A 121 -20.24 -7.69 0.74
C VAL A 121 -20.14 -7.86 -0.77
N ASP A 122 -20.71 -8.96 -1.28
CA ASP A 122 -20.75 -9.18 -2.73
C ASP A 122 -19.38 -9.08 -3.39
N ILE A 123 -18.50 -10.00 -3.01
CA ILE A 123 -17.18 -10.09 -3.61
C ILE A 123 -17.34 -10.36 -5.09
N HIS A 124 -16.43 -9.82 -5.91
CA HIS A 124 -16.43 -10.17 -7.31
C HIS A 124 -15.77 -11.54 -7.50
N ASP A 125 -16.60 -12.55 -7.75
CA ASP A 125 -16.13 -13.92 -7.93
C ASP A 125 -15.64 -14.56 -6.63
N GLU A 126 -16.35 -15.61 -6.21
CA GLU A 126 -16.09 -16.25 -4.93
C GLU A 126 -14.83 -17.12 -4.89
N LYS A 127 -14.15 -17.26 -6.03
CA LYS A 127 -12.90 -18.00 -6.05
C LYS A 127 -11.97 -17.51 -4.93
N THR A 128 -11.98 -16.19 -4.72
CA THR A 128 -11.07 -15.57 -3.75
C THR A 128 -11.30 -16.04 -2.31
N LEU A 129 -12.54 -16.42 -2.00
CA LEU A 129 -12.84 -16.90 -0.66
C LEU A 129 -11.97 -18.11 -0.32
N SER A 130 -11.60 -18.88 -1.33
CA SER A 130 -10.81 -20.09 -1.13
C SER A 130 -9.35 -19.81 -0.78
N TYR A 131 -8.91 -18.57 -0.93
CA TYR A 131 -7.51 -18.22 -0.67
C TYR A 131 -7.25 -17.91 0.80
N SER A 132 -8.32 -17.89 1.60
CA SER A 132 -8.23 -17.57 3.03
C SER A 132 -8.08 -18.85 3.86
N LYS A 133 -7.19 -18.83 4.84
CA LYS A 133 -7.06 -19.94 5.78
C LYS A 133 -8.19 -19.91 6.81
N VAL A 134 -8.66 -18.71 7.14
CA VAL A 134 -9.80 -18.57 8.04
C VAL A 134 -11.10 -18.44 7.25
N LYS A 135 -12.24 -18.66 7.91
CA LYS A 135 -13.52 -18.55 7.21
C LYS A 135 -13.71 -17.17 6.60
N PHE A 136 -13.97 -17.15 5.30
CA PHE A 136 -14.15 -15.90 4.54
C PHE A 136 -15.59 -15.88 4.00
N SER A 137 -16.44 -15.05 4.61
CA SER A 137 -17.86 -15.02 4.26
C SER A 137 -18.24 -13.98 3.22
N ASP A 138 -19.08 -14.37 2.28
CA ASP A 138 -19.59 -13.47 1.25
C ASP A 138 -21.00 -13.02 1.61
N LEU A 139 -21.13 -11.79 2.10
CA LEU A 139 -22.42 -11.24 2.48
C LEU A 139 -23.11 -10.64 1.26
N HIS A 140 -24.43 -10.44 1.34
CA HIS A 140 -25.17 -9.98 0.16
C HIS A 140 -26.06 -8.75 0.39
N ALA A 141 -25.98 -7.82 -0.55
CA ALA A 141 -26.77 -6.59 -0.47
C ALA A 141 -28.18 -6.73 -1.03
N ASN A 142 -28.51 -7.93 -1.50
CA ASN A 142 -29.82 -8.19 -2.12
C ASN A 142 -31.04 -7.65 -1.36
N ASP A 143 -31.14 -8.00 -0.09
CA ASP A 143 -32.33 -7.65 0.70
C ASP A 143 -32.46 -6.14 0.85
N ALA A 144 -31.32 -5.47 0.98
CA ALA A 144 -31.30 -4.01 1.10
C ALA A 144 -31.75 -3.38 -0.21
N ILE A 145 -31.33 -3.96 -1.32
CA ILE A 145 -31.77 -3.47 -2.62
C ILE A 145 -33.27 -3.73 -2.83
N VAL A 146 -33.74 -4.88 -2.37
CA VAL A 146 -35.16 -5.20 -2.45
C VAL A 146 -35.99 -4.23 -1.59
N ARG A 147 -35.51 -3.96 -0.39
CA ARG A 147 -36.17 -2.99 0.47
C ARG A 147 -36.37 -1.65 -0.22
N TYR A 148 -35.31 -1.15 -0.87
CA TYR A 148 -35.38 0.12 -1.57
C TYR A 148 -36.41 0.09 -2.70
N TYR A 149 -36.34 -0.92 -3.55
CA TYR A 149 -37.15 -0.90 -4.76
C TYR A 149 -38.60 -1.38 -4.60
N LYS A 150 -38.94 -1.85 -3.40
CA LYS A 150 -40.33 -2.24 -3.14
C LYS A 150 -41.29 -1.07 -3.35
N ASN A 151 -40.78 0.14 -3.14
CA ASN A 151 -41.58 1.34 -3.34
C ASN A 151 -41.28 2.07 -4.65
N VAL A 152 -40.77 1.34 -5.63
CA VAL A 152 -40.56 1.89 -6.96
C VAL A 152 -41.33 1.08 -7.99
N ASP A 153 -41.84 1.74 -9.03
CA ASP A 153 -42.53 1.05 -10.12
C ASP A 153 -41.50 0.39 -11.04
N VAL A 154 -41.43 -0.95 -10.99
CA VAL A 154 -40.48 -1.71 -11.80
C VAL A 154 -41.15 -2.85 -12.56
N ASP A 155 -40.81 -2.99 -13.84
CA ASP A 155 -41.38 -4.08 -14.65
C ASP A 155 -40.44 -5.28 -14.73
N TYR A 156 -39.17 -5.02 -15.00
CA TYR A 156 -38.17 -6.08 -15.07
C TYR A 156 -36.93 -5.69 -14.30
N VAL A 157 -36.31 -6.67 -13.66
CA VAL A 157 -34.94 -6.54 -13.16
C VAL A 157 -34.02 -7.15 -14.20
N VAL A 158 -32.90 -6.49 -14.48
CA VAL A 158 -32.05 -6.82 -15.62
C VAL A 158 -30.59 -6.92 -15.21
N SER A 159 -29.92 -7.97 -15.66
CA SER A 159 -28.46 -8.02 -15.55
C SER A 159 -27.83 -7.54 -16.86
N PRO A 160 -26.80 -6.71 -16.76
CA PRO A 160 -26.10 -6.06 -17.88
C PRO A 160 -25.26 -7.06 -18.66
N ASP A 161 -24.98 -8.21 -18.06
CA ASP A 161 -24.22 -9.26 -18.74
C ASP A 161 -24.70 -10.64 -18.27
N ASP A 162 -24.18 -11.69 -18.89
CA ASP A 162 -24.63 -13.04 -18.55
C ASP A 162 -23.93 -13.63 -17.34
N GLY A 163 -23.48 -12.75 -16.44
CA GLY A 163 -22.80 -13.17 -15.22
C GLY A 163 -23.41 -12.69 -13.91
N GLY A 164 -24.15 -11.57 -13.95
CA GLY A 164 -24.77 -11.04 -12.74
C GLY A 164 -26.12 -11.67 -12.50
N LEU A 165 -26.29 -12.88 -13.03
CA LEU A 165 -27.60 -13.52 -13.10
C LEU A 165 -28.23 -13.93 -11.77
N ALA A 166 -27.48 -14.65 -10.94
CA ALA A 166 -28.04 -15.14 -9.68
C ALA A 166 -28.58 -14.00 -8.81
N ARG A 167 -27.83 -12.92 -8.73
CA ARG A 167 -28.24 -11.75 -7.95
C ARG A 167 -29.53 -11.16 -8.48
N VAL A 168 -29.62 -11.01 -9.79
CA VAL A 168 -30.81 -10.45 -10.43
C VAL A 168 -32.00 -11.38 -10.28
N ALA A 169 -31.76 -12.69 -10.33
CA ALA A 169 -32.86 -13.65 -10.15
C ALA A 169 -33.41 -13.60 -8.73
N ASP A 170 -32.53 -13.43 -7.75
CA ASP A 170 -32.94 -13.39 -6.36
C ASP A 170 -33.67 -12.09 -6.06
N ILE A 171 -33.11 -10.99 -6.55
CA ILE A 171 -33.70 -9.68 -6.33
C ILE A 171 -35.09 -9.59 -6.97
N SER A 172 -35.21 -10.09 -8.20
CA SER A 172 -36.50 -10.07 -8.88
C SER A 172 -37.52 -10.97 -8.18
N ALA A 173 -37.09 -12.14 -7.72
CA ALA A 173 -37.99 -13.04 -7.01
C ALA A 173 -38.56 -12.34 -5.77
N LYS A 174 -37.69 -11.65 -5.04
CA LYS A 174 -38.11 -10.98 -3.81
C LYS A 174 -38.97 -9.74 -4.10
N LEU A 175 -38.82 -9.18 -5.30
CA LEU A 175 -39.69 -8.07 -5.71
C LEU A 175 -40.96 -8.54 -6.41
N GLY A 176 -41.03 -9.84 -6.72
CA GLY A 176 -42.15 -10.38 -7.46
C GLY A 176 -42.16 -9.94 -8.91
N LYS A 177 -40.98 -9.77 -9.49
CA LYS A 177 -40.89 -9.27 -10.85
C LYS A 177 -40.24 -10.29 -11.78
N LYS A 178 -40.47 -10.14 -13.08
CA LYS A 178 -39.75 -10.92 -14.07
C LYS A 178 -38.34 -10.36 -14.20
N HIS A 179 -37.46 -11.10 -14.87
CA HIS A 179 -36.10 -10.63 -15.10
C HIS A 179 -35.54 -11.15 -16.41
N PHE A 180 -34.47 -10.50 -16.87
CA PHE A 180 -33.72 -11.01 -18.00
C PHE A 180 -32.29 -10.48 -17.92
N PHE A 181 -31.43 -10.97 -18.79
CA PHE A 181 -30.09 -10.40 -18.87
C PHE A 181 -29.75 -10.02 -20.31
N ILE A 182 -28.71 -9.20 -20.45
CA ILE A 182 -28.25 -8.77 -21.75
C ILE A 182 -26.93 -9.45 -22.03
N GLU A 183 -26.87 -10.20 -23.13
CA GLU A 183 -25.59 -10.71 -23.60
C GLU A 183 -25.05 -9.75 -24.66
N LYS A 184 -23.93 -9.11 -24.37
CA LYS A 184 -23.28 -8.25 -25.34
C LYS A 184 -21.97 -8.87 -25.82
N LYS A 185 -21.76 -8.87 -27.13
CA LYS A 185 -20.50 -9.32 -27.70
C LYS A 185 -20.07 -8.42 -28.86
N ARG A 186 -18.77 -8.34 -29.10
CA ARG A 186 -18.27 -7.66 -30.28
C ARG A 186 -17.85 -8.69 -31.32
N ILE A 187 -18.34 -8.52 -32.53
CA ILE A 187 -17.97 -9.40 -33.62
C ILE A 187 -17.46 -8.52 -34.75
N ASP A 188 -16.14 -8.45 -34.89
CA ASP A 188 -15.50 -7.66 -35.94
C ASP A 188 -15.85 -6.17 -35.82
N ASP A 189 -15.50 -5.57 -34.68
CA ASP A 189 -15.66 -4.14 -34.48
C ASP A 189 -17.09 -3.73 -34.16
N ARG A 190 -18.05 -4.47 -34.68
CA ARG A 190 -19.47 -4.16 -34.49
C ARG A 190 -20.06 -4.90 -33.29
N THR A 191 -20.97 -4.23 -32.59
CA THR A 191 -21.54 -4.77 -31.37
C THR A 191 -22.84 -5.52 -31.64
N VAL A 192 -23.00 -6.67 -30.98
CA VAL A 192 -24.24 -7.42 -31.04
C VAL A 192 -24.76 -7.67 -29.62
N GLU A 193 -26.06 -7.52 -29.44
CA GLU A 193 -26.67 -7.67 -28.13
C GLU A 193 -27.91 -8.55 -28.22
N MET A 194 -28.04 -9.48 -27.28
CA MET A 194 -29.22 -10.34 -27.19
C MET A 194 -29.86 -10.19 -25.82
N LYS A 195 -31.18 -10.06 -25.79
CA LYS A 195 -31.91 -10.11 -24.53
C LYS A 195 -32.33 -11.54 -24.28
N VAL A 196 -32.09 -12.05 -23.08
CA VAL A 196 -32.50 -13.42 -22.77
C VAL A 196 -33.21 -13.55 -21.40
N PRO A 197 -34.49 -13.96 -21.43
CA PRO A 197 -35.23 -14.22 -22.67
C PRO A 197 -35.40 -12.91 -23.45
N ASN A 198 -35.91 -13.00 -24.67
CA ASN A 198 -36.03 -11.82 -25.53
C ASN A 198 -37.27 -10.99 -25.20
N VAL A 199 -37.25 -10.38 -24.02
CA VAL A 199 -38.33 -9.56 -23.50
C VAL A 199 -38.55 -8.28 -24.31
N ASP A 200 -39.82 -7.93 -24.52
CA ASP A 200 -40.16 -6.64 -25.12
C ASP A 200 -40.05 -5.54 -24.07
N VAL A 201 -39.09 -4.64 -24.25
CA VAL A 201 -38.90 -3.56 -23.27
C VAL A 201 -39.60 -2.25 -23.65
N ASN A 202 -40.32 -2.25 -24.76
CA ASN A 202 -41.04 -1.07 -25.22
C ASN A 202 -42.04 -0.57 -24.17
N GLY A 203 -41.75 0.60 -23.60
CA GLY A 203 -42.63 1.23 -22.63
C GLY A 203 -42.52 0.64 -21.24
N LYS A 204 -41.44 -0.11 -21.01
CA LYS A 204 -41.29 -0.82 -19.74
C LYS A 204 -40.29 -0.11 -18.82
N LYS A 205 -40.44 -0.31 -17.52
CA LYS A 205 -39.55 0.30 -16.54
C LYS A 205 -38.58 -0.75 -16.03
N LEU A 206 -37.28 -0.46 -16.14
CA LEU A 206 -36.26 -1.47 -15.94
C LEU A 206 -35.32 -1.11 -14.80
N LEU A 207 -35.07 -2.06 -13.92
CA LEU A 207 -34.01 -1.93 -12.92
C LEU A 207 -32.82 -2.76 -13.34
N ILE A 208 -31.70 -2.11 -13.66
CA ILE A 208 -30.48 -2.80 -14.04
C ILE A 208 -29.60 -2.91 -12.79
N VAL A 209 -29.13 -4.11 -12.50
CA VAL A 209 -28.28 -4.32 -11.31
C VAL A 209 -26.96 -5.00 -11.65
N ASP A 210 -25.87 -4.46 -11.13
CA ASP A 210 -24.54 -5.03 -11.32
C ASP A 210 -23.81 -4.99 -9.98
N ASP A 211 -22.66 -5.65 -9.87
CA ASP A 211 -21.96 -5.66 -8.60
C ASP A 211 -21.11 -4.42 -8.39
N ILE A 212 -20.35 -4.04 -9.41
CA ILE A 212 -19.45 -2.90 -9.32
C ILE A 212 -19.66 -1.94 -10.48
N ILE A 213 -19.60 -0.64 -10.20
CA ILE A 213 -19.54 0.35 -11.26
C ILE A 213 -18.21 1.08 -11.17
N SER A 214 -17.36 0.85 -12.16
CA SER A 214 -16.06 1.50 -12.22
C SER A 214 -16.12 2.62 -13.24
N THR A 215 -15.81 2.33 -14.50
CA THR A 215 -15.90 3.30 -15.59
C THR A 215 -17.35 3.48 -16.06
N GLY A 216 -18.22 2.54 -15.68
CA GLY A 216 -19.62 2.60 -16.07
C GLY A 216 -19.89 2.21 -17.50
N GLY A 217 -18.83 1.89 -18.25
CA GLY A 217 -19.00 1.49 -19.65
C GLY A 217 -20.05 0.41 -19.86
N THR A 218 -19.98 -0.63 -19.05
CA THR A 218 -20.84 -1.80 -19.19
C THR A 218 -22.31 -1.45 -19.00
N ILE A 219 -22.61 -0.74 -17.92
CA ILE A 219 -24.00 -0.37 -17.63
C ILE A 219 -24.50 0.73 -18.55
N ALA A 220 -23.61 1.66 -18.92
CA ALA A 220 -23.98 2.76 -19.79
C ALA A 220 -24.42 2.27 -21.16
N LYS A 221 -23.68 1.31 -21.70
CA LYS A 221 -23.98 0.74 -23.02
C LYS A 221 -25.33 0.02 -23.01
N SER A 222 -25.52 -0.86 -22.04
CA SER A 222 -26.78 -1.60 -21.94
C SER A 222 -27.97 -0.67 -21.69
N SER A 223 -27.78 0.38 -20.90
CA SER A 223 -28.83 1.35 -20.67
C SER A 223 -29.22 2.04 -21.98
N GLY A 224 -28.21 2.37 -22.78
CA GLY A 224 -28.45 3.00 -24.06
C GLY A 224 -29.21 2.09 -25.01
N LEU A 225 -28.84 0.81 -25.01
CA LEU A 225 -29.51 -0.17 -25.84
C LEU A 225 -31.00 -0.27 -25.48
N LEU A 226 -31.27 -0.28 -24.17
CA LEU A 226 -32.63 -0.45 -23.68
C LEU A 226 -33.46 0.80 -23.91
N ARG A 227 -32.86 1.96 -23.70
CA ARG A 227 -33.51 3.23 -24.00
C ARG A 227 -33.89 3.27 -25.48
N GLU A 228 -32.95 2.84 -26.32
CA GLU A 228 -33.15 2.79 -27.76
C GLU A 228 -34.34 1.92 -28.15
N LYS A 229 -34.56 0.83 -27.40
CA LYS A 229 -35.65 -0.10 -27.68
C LYS A 229 -36.98 0.34 -27.08
N GLY A 230 -36.98 1.49 -26.41
CA GLY A 230 -38.23 2.08 -25.94
C GLY A 230 -38.50 1.97 -24.45
N ALA A 231 -37.51 1.56 -23.68
CA ALA A 231 -37.67 1.54 -22.22
C ALA A 231 -38.18 2.91 -21.75
N SER A 232 -39.16 2.91 -20.87
CA SER A 232 -39.76 4.15 -20.39
C SER A 232 -38.99 4.74 -19.22
N LYS A 233 -38.42 3.88 -18.39
CA LYS A 233 -37.57 4.31 -17.29
C LYS A 233 -36.48 3.30 -17.02
N ILE A 234 -35.29 3.79 -16.71
CA ILE A 234 -34.17 2.92 -16.34
C ILE A 234 -33.57 3.35 -15.00
N TYR A 235 -33.59 2.44 -14.03
CA TYR A 235 -32.89 2.66 -12.77
C TYR A 235 -31.62 1.82 -12.80
N VAL A 236 -30.50 2.43 -12.40
CA VAL A 236 -29.23 1.74 -12.34
C VAL A 236 -28.80 1.56 -10.89
N SER A 237 -28.56 0.32 -10.50
CA SER A 237 -28.03 0.01 -9.17
C SER A 237 -26.81 -0.90 -9.25
N ALA A 238 -25.89 -0.69 -8.31
CA ALA A 238 -24.74 -1.57 -8.13
C ALA A 238 -24.48 -1.62 -6.64
N VAL A 239 -23.78 -2.65 -6.18
CA VAL A 239 -23.41 -2.70 -4.77
C VAL A 239 -22.30 -1.71 -4.48
N HIS A 240 -21.26 -1.75 -5.29
CA HIS A 240 -20.05 -0.96 -5.09
C HIS A 240 -19.90 0.14 -6.14
N GLY A 241 -20.14 1.39 -5.73
CA GLY A 241 -20.06 2.51 -6.65
C GLY A 241 -18.71 3.20 -6.61
N LEU A 242 -17.79 2.78 -7.48
CA LEU A 242 -16.46 3.40 -7.54
C LEU A 242 -16.50 4.71 -8.35
N PHE A 243 -17.20 4.69 -9.47
CA PHE A 243 -17.44 5.90 -10.26
C PHE A 243 -16.15 6.64 -10.61
N VAL A 244 -15.31 6.00 -11.41
CA VAL A 244 -14.10 6.65 -11.91
C VAL A 244 -14.50 7.57 -13.07
N ASN A 245 -13.84 8.73 -13.15
CA ASN A 245 -14.16 9.73 -14.19
C ASN A 245 -14.36 9.10 -15.56
N GLY A 246 -15.47 9.41 -16.23
CA GLY A 246 -16.57 10.14 -15.64
C GLY A 246 -17.82 9.28 -15.77
N SER A 247 -17.87 8.23 -14.96
CA SER A 247 -18.85 7.16 -15.11
C SER A 247 -20.28 7.64 -14.95
N GLU A 248 -20.51 8.51 -13.97
CA GLU A 248 -21.86 8.95 -13.65
C GLU A 248 -22.55 9.63 -14.83
N ASN A 249 -21.80 10.44 -15.57
CA ASN A 249 -22.37 11.15 -16.72
C ASN A 249 -22.62 10.23 -17.91
N LYS A 250 -21.76 9.24 -18.09
CA LYS A 250 -21.98 8.25 -19.14
C LYS A 250 -23.27 7.48 -18.85
N ILE A 251 -23.45 7.10 -17.60
CA ILE A 251 -24.61 6.30 -17.21
C ILE A 251 -25.90 7.11 -17.30
N LEU A 252 -25.86 8.34 -16.79
CA LEU A 252 -27.05 9.19 -16.75
C LEU A 252 -27.43 9.75 -18.11
N GLN A 253 -26.62 9.44 -19.12
CA GLN A 253 -26.95 9.80 -20.50
C GLN A 253 -28.26 9.13 -20.90
N ASN A 254 -28.45 7.90 -20.42
CA ASN A 254 -29.59 7.10 -20.83
C ASN A 254 -30.39 6.51 -19.67
N ALA A 255 -29.80 6.48 -18.49
CA ALA A 255 -30.52 6.04 -17.30
C ALA A 255 -31.09 7.25 -16.57
N ASP A 256 -32.15 7.02 -15.81
CA ASP A 256 -32.85 8.11 -15.11
C ASP A 256 -32.29 8.34 -13.72
N GLU A 257 -31.84 7.28 -13.07
CA GLU A 257 -31.38 7.34 -11.69
C GLU A 257 -30.30 6.33 -11.40
N ILE A 258 -29.42 6.68 -10.46
CA ILE A 258 -28.41 5.75 -9.96
C ILE A 258 -28.57 5.60 -8.46
N HIS A 259 -28.64 4.36 -7.98
CA HIS A 259 -28.70 4.09 -6.54
C HIS A 259 -27.76 2.95 -6.17
N VAL A 260 -26.70 3.26 -5.43
CA VAL A 260 -25.78 2.24 -4.94
C VAL A 260 -25.80 2.17 -3.42
N THR A 261 -25.04 1.23 -2.85
CA THR A 261 -25.01 1.09 -1.40
C THR A 261 -23.93 1.95 -0.76
N ASP A 262 -23.77 1.79 0.56
CA ASP A 262 -22.75 2.53 1.29
C ASP A 262 -21.45 1.74 1.51
N THR A 263 -21.26 0.64 0.80
CA THR A 263 -19.98 -0.07 0.86
C THR A 263 -18.88 0.87 0.42
N VAL A 264 -19.15 1.61 -0.66
CA VAL A 264 -18.29 2.70 -1.10
C VAL A 264 -19.13 3.96 -1.06
N GLU A 265 -18.80 4.87 -0.15
CA GLU A 265 -19.64 6.03 0.08
C GLU A 265 -19.52 7.06 -1.02
N SER A 266 -20.66 7.47 -1.58
CA SER A 266 -20.71 8.52 -2.58
C SER A 266 -22.05 9.22 -2.53
N LYS A 267 -22.24 10.22 -3.41
CA LYS A 267 -23.51 10.94 -3.47
C LYS A 267 -24.66 10.01 -3.85
N PHE A 268 -24.33 8.88 -4.47
CA PHE A 268 -25.37 7.94 -4.94
C PHE A 268 -25.64 6.81 -3.96
N SER A 269 -25.01 6.84 -2.78
CA SER A 269 -25.18 5.80 -1.77
C SER A 269 -26.51 5.95 -1.03
N ASP A 270 -27.59 5.50 -1.67
CA ASP A 270 -28.94 5.65 -1.14
C ASP A 270 -29.41 4.41 -0.39
N ILE A 271 -28.66 3.32 -0.51
CA ILE A 271 -29.05 2.03 0.02
C ILE A 271 -27.99 1.53 0.97
N SER A 272 -28.33 1.41 2.25
CA SER A 272 -27.34 0.98 3.23
C SER A 272 -27.39 -0.52 3.46
N VAL A 273 -26.22 -1.12 3.63
CA VAL A 273 -26.15 -2.54 3.93
C VAL A 273 -25.86 -2.79 5.40
N TYR A 274 -26.10 -1.80 6.24
CA TYR A 274 -25.77 -1.96 7.66
C TYR A 274 -26.46 -3.17 8.28
N GLN A 275 -27.71 -3.40 7.91
CA GLN A 275 -28.48 -4.49 8.50
C GLN A 275 -27.84 -5.84 8.17
N GLU A 276 -27.41 -6.00 6.92
CA GLU A 276 -26.77 -7.23 6.51
C GLU A 276 -25.48 -7.49 7.28
N VAL A 277 -24.72 -6.44 7.56
CA VAL A 277 -23.47 -6.60 8.29
C VAL A 277 -23.74 -6.92 9.75
N CYS A 278 -24.73 -6.24 10.33
CA CYS A 278 -25.10 -6.48 11.71
C CYS A 278 -25.52 -7.93 11.93
N ASN A 279 -26.23 -8.51 10.97
CA ASN A 279 -26.59 -9.93 11.05
C ASN A 279 -25.37 -10.81 11.18
N TYR A 280 -24.40 -10.57 10.30
CA TYR A 280 -23.15 -11.31 10.32
C TYR A 280 -22.46 -11.18 11.67
N ILE A 281 -22.34 -9.95 12.15
CA ILE A 281 -21.68 -9.71 13.43
C ILE A 281 -22.42 -10.41 14.56
N ARG A 282 -23.74 -10.22 14.58
CA ARG A 282 -24.58 -10.87 15.58
C ARG A 282 -24.35 -12.38 15.61
N ASP A 283 -24.19 -12.99 14.43
CA ASP A 283 -23.97 -14.43 14.37
C ASP A 283 -22.49 -14.84 14.54
N ILE A 284 -21.58 -13.96 14.16
CA ILE A 284 -20.15 -14.21 14.37
C ILE A 284 -19.75 -14.07 15.83
N MET B 1 21.17 -16.09 -12.40
CA MET B 1 20.47 -15.15 -11.56
C MET B 1 19.55 -14.25 -12.38
N LYS B 2 18.45 -13.81 -11.76
CA LYS B 2 17.58 -12.82 -12.37
C LYS B 2 17.43 -11.65 -11.42
N ILE B 3 17.69 -10.45 -11.91
CA ILE B 3 17.53 -9.24 -11.13
C ILE B 3 16.27 -8.54 -11.58
N ILE B 4 15.34 -8.36 -10.65
CA ILE B 4 14.11 -7.62 -10.93
C ILE B 4 14.27 -6.18 -10.42
N ALA B 5 14.08 -5.22 -11.31
CA ALA B 5 14.26 -3.82 -10.97
C ALA B 5 12.88 -3.16 -10.84
N LEU B 6 12.48 -2.84 -9.62
CA LEU B 6 11.18 -2.21 -9.41
C LEU B 6 11.27 -0.72 -9.67
N ARG B 7 10.12 -0.08 -9.83
CA ARG B 7 10.05 1.34 -10.22
C ARG B 7 10.94 2.24 -9.37
N SER B 8 10.96 2.02 -8.07
CA SER B 8 11.62 2.95 -7.16
C SER B 8 13.15 2.85 -7.22
N SER B 9 13.65 1.74 -7.76
CA SER B 9 15.09 1.46 -7.75
C SER B 9 15.69 1.25 -9.12
N LEU B 10 15.08 1.82 -10.16
CA LEU B 10 15.57 1.59 -11.51
C LEU B 10 17.06 1.91 -11.68
N LYS B 11 17.52 3.01 -11.09
CA LYS B 11 18.91 3.45 -11.28
C LYS B 11 19.90 2.49 -10.62
N LEU B 12 19.71 2.27 -9.34
CA LEU B 12 20.56 1.35 -8.59
C LEU B 12 20.47 -0.08 -9.15
N ALA B 13 19.26 -0.56 -9.40
CA ALA B 13 19.09 -1.92 -9.93
C ALA B 13 19.80 -2.08 -11.28
N ALA B 14 19.72 -1.05 -12.11
CA ALA B 14 20.37 -1.11 -13.42
C ALA B 14 21.89 -1.15 -13.28
N ARG B 15 22.43 -0.36 -12.36
CA ARG B 15 23.87 -0.37 -12.13
C ARG B 15 24.33 -1.74 -11.65
N ILE B 16 23.58 -2.31 -10.71
CA ILE B 16 23.85 -3.63 -10.17
C ILE B 16 23.81 -4.68 -11.28
N ALA B 17 22.70 -4.71 -12.01
CA ALA B 17 22.56 -5.67 -13.11
C ALA B 17 23.69 -5.56 -14.12
N GLU B 18 24.08 -4.34 -14.48
CA GLU B 18 25.15 -4.15 -15.45
C GLU B 18 26.49 -4.66 -14.93
N GLU B 19 26.78 -4.38 -13.67
CA GLU B 19 27.98 -4.87 -13.03
C GLU B 19 28.02 -6.40 -13.02
N LEU B 20 26.86 -7.02 -12.88
CA LEU B 20 26.77 -8.48 -12.85
C LEU B 20 26.44 -9.11 -14.21
N LYS B 21 26.49 -8.32 -15.27
CA LYS B 21 26.31 -8.84 -16.62
C LYS B 21 24.97 -9.52 -16.82
N THR B 22 23.91 -8.93 -16.30
CA THR B 22 22.60 -9.54 -16.40
C THR B 22 21.51 -8.50 -16.69
N GLU B 23 20.34 -8.97 -17.09
CA GLU B 23 19.24 -8.08 -17.43
C GLU B 23 18.62 -7.46 -16.19
N PRO B 24 18.42 -6.15 -16.19
CA PRO B 24 17.56 -5.59 -15.14
C PRO B 24 16.11 -5.79 -15.57
N VAL B 25 15.48 -6.87 -15.09
CA VAL B 25 14.11 -7.19 -15.49
C VAL B 25 13.09 -6.24 -14.86
N MET B 26 12.44 -5.44 -15.69
CA MET B 26 11.42 -4.53 -15.20
C MET B 26 10.04 -5.15 -15.43
N PRO B 27 9.08 -4.80 -14.56
CA PRO B 27 7.74 -5.29 -14.83
C PRO B 27 7.08 -4.46 -15.91
N ASP B 28 6.08 -5.02 -16.58
CA ASP B 28 5.09 -4.19 -17.22
C ASP B 28 4.18 -3.79 -16.07
N GLU B 29 3.92 -2.50 -15.93
CA GLU B 29 3.19 -2.00 -14.78
C GLU B 29 2.24 -0.86 -15.16
N ARG B 30 1.06 -0.86 -14.57
CA ARG B 30 0.09 0.17 -14.85
C ARG B 30 -1.00 0.18 -13.79
N ARG B 31 -1.81 1.22 -13.80
CA ARG B 31 -2.94 1.29 -12.88
C ARG B 31 -4.24 1.05 -13.64
N PHE B 32 -5.08 0.16 -13.14
CA PHE B 32 -6.43 0.02 -13.68
C PHE B 32 -7.17 1.33 -13.45
N PRO B 33 -8.27 1.54 -14.19
CA PRO B 33 -9.10 2.74 -14.06
C PRO B 33 -9.51 3.03 -12.61
N ASP B 34 -9.76 1.99 -11.81
CA ASP B 34 -10.16 2.17 -10.42
C ASP B 34 -8.98 2.37 -9.48
N GLY B 35 -7.77 2.48 -10.03
CA GLY B 35 -6.59 2.75 -9.22
C GLY B 35 -5.85 1.55 -8.67
N GLU B 36 -6.36 0.35 -8.91
CA GLU B 36 -5.65 -0.85 -8.49
C GLU B 36 -4.41 -1.11 -9.35
N LEU B 37 -3.40 -1.72 -8.75
CA LEU B 37 -2.11 -1.92 -9.39
C LEU B 37 -2.06 -3.20 -10.20
N TYR B 38 -1.55 -3.09 -11.41
CA TYR B 38 -1.28 -4.25 -12.25
C TYR B 38 0.22 -4.39 -12.49
N LEU B 39 0.74 -5.60 -12.36
CA LEU B 39 2.13 -5.91 -12.71
C LEU B 39 2.20 -7.18 -13.54
N ARG B 40 3.23 -7.30 -14.36
CA ARG B 40 3.43 -8.54 -15.08
C ARG B 40 4.89 -8.75 -15.45
N TYR B 41 5.40 -9.93 -15.17
CA TYR B 41 6.77 -10.30 -15.52
C TYR B 41 6.73 -11.46 -16.53
N ASP B 42 6.82 -11.14 -17.81
CA ASP B 42 6.65 -12.18 -18.83
C ASP B 42 7.87 -13.08 -19.04
N GLU B 43 9.02 -12.66 -18.53
CA GLU B 43 10.25 -13.45 -18.61
C GLU B 43 10.16 -14.74 -17.81
N ASP B 44 10.73 -15.82 -18.35
CA ASP B 44 10.72 -17.10 -17.66
C ASP B 44 11.75 -17.14 -16.55
N LEU B 45 11.28 -17.11 -15.30
CA LEU B 45 12.17 -17.01 -14.14
C LEU B 45 12.44 -18.38 -13.53
N THR B 46 11.91 -19.42 -14.15
CA THR B 46 12.04 -20.77 -13.63
C THR B 46 13.50 -21.18 -13.42
N GLY B 47 13.79 -21.75 -12.25
CA GLY B 47 15.10 -22.32 -11.98
C GLY B 47 16.18 -21.33 -11.60
N HIS B 48 15.82 -20.05 -11.54
CA HIS B 48 16.81 -19.02 -11.21
C HIS B 48 16.70 -18.52 -9.78
N ASN B 49 17.81 -18.00 -9.27
CA ASN B 49 17.82 -17.24 -8.04
C ASN B 49 17.36 -15.84 -8.38
N ILE B 50 16.28 -15.40 -7.74
CA ILE B 50 15.71 -14.11 -8.09
C ILE B 50 16.06 -13.06 -7.05
N PHE B 51 16.42 -11.88 -7.52
CA PHE B 51 16.72 -10.76 -6.63
C PHE B 51 15.83 -9.57 -6.97
N ILE B 52 14.89 -9.29 -6.08
CA ILE B 52 13.92 -8.22 -6.29
C ILE B 52 14.44 -6.95 -5.62
N ILE B 53 14.69 -5.91 -6.42
CA ILE B 53 15.25 -4.67 -5.89
C ILE B 53 14.23 -3.55 -5.95
N GLY B 54 13.82 -3.07 -4.79
CA GLY B 54 12.87 -1.97 -4.72
C GLY B 54 12.71 -1.50 -3.29
N ASN B 55 12.47 -0.20 -3.13
CA ASN B 55 12.27 0.36 -1.79
C ASN B 55 10.89 -0.01 -1.24
N THR B 56 10.71 0.17 0.07
CA THR B 56 9.47 -0.29 0.70
C THR B 56 8.88 0.77 1.63
N HIS B 57 8.86 2.01 1.18
CA HIS B 57 8.47 3.09 2.06
C HIS B 57 7.14 3.81 1.68
N SER B 58 6.91 4.04 0.40
CA SER B 58 5.64 4.62 -0.05
C SER B 58 4.55 3.56 -0.14
N ASP B 59 3.28 3.97 -0.05
CA ASP B 59 2.17 3.02 -0.22
C ASP B 59 2.36 2.25 -1.52
N ALA B 60 2.64 2.96 -2.60
CA ALA B 60 2.77 2.34 -3.91
C ALA B 60 3.94 1.35 -3.96
N GLU B 61 5.05 1.70 -3.30
CA GLU B 61 6.21 0.82 -3.25
C GLU B 61 5.90 -0.49 -2.54
N VAL B 62 5.16 -0.40 -1.45
CA VAL B 62 4.74 -1.60 -0.71
C VAL B 62 3.85 -2.50 -1.59
N MET B 63 2.88 -1.89 -2.29
CA MET B 63 2.02 -2.64 -3.21
C MET B 63 2.85 -3.27 -4.32
N GLU B 64 3.82 -2.52 -4.83
CA GLU B 64 4.69 -3.03 -5.88
C GLU B 64 5.48 -4.26 -5.40
N MET B 65 6.01 -4.19 -4.18
CA MET B 65 6.76 -5.32 -3.63
C MET B 65 5.86 -6.53 -3.40
N ILE B 66 4.73 -6.31 -2.74
CA ILE B 66 3.79 -7.39 -2.44
C ILE B 66 3.27 -8.09 -3.70
N LEU B 67 2.85 -7.31 -4.69
CA LEU B 67 2.32 -7.93 -5.91
C LEU B 67 3.43 -8.60 -6.70
N THR B 68 4.65 -8.10 -6.58
CA THR B 68 5.76 -8.76 -7.25
C THR B 68 5.99 -10.12 -6.60
N LEU B 69 5.87 -10.17 -5.28
CA LEU B 69 6.09 -11.41 -4.55
C LEU B 69 5.03 -12.46 -4.89
N SER B 70 3.87 -12.00 -5.37
CA SER B 70 2.84 -12.91 -5.88
C SER B 70 3.07 -13.29 -7.34
N ALA B 71 3.48 -12.32 -8.16
CA ALA B 71 3.70 -12.59 -9.57
C ALA B 71 4.79 -13.63 -9.80
N ILE B 72 5.84 -13.60 -8.99
CA ILE B 72 6.96 -14.51 -9.22
C ILE B 72 6.66 -15.94 -8.80
N GLN B 73 5.53 -16.13 -8.11
CA GLN B 73 5.09 -17.47 -7.74
C GLN B 73 4.56 -18.24 -8.95
N ASP B 74 4.43 -17.55 -10.09
CA ASP B 74 4.05 -18.23 -11.32
C ASP B 74 5.18 -19.12 -11.83
N TYR B 75 6.38 -18.91 -11.29
CA TYR B 75 7.55 -19.66 -11.74
C TYR B 75 8.17 -20.49 -10.63
N ARG B 76 8.71 -21.65 -10.98
CA ARG B 76 9.45 -22.49 -10.06
C ARG B 76 10.88 -21.96 -9.91
N THR B 77 11.05 -21.01 -8.99
CA THR B 77 12.35 -20.37 -8.79
C THR B 77 13.21 -21.14 -7.79
N LYS B 78 14.53 -20.94 -7.88
CA LYS B 78 15.45 -21.54 -6.90
C LYS B 78 15.34 -20.85 -5.56
N SER B 79 15.31 -19.52 -5.59
CA SER B 79 15.17 -18.74 -4.36
C SER B 79 14.59 -17.38 -4.70
N VAL B 80 14.00 -16.74 -3.69
CA VAL B 80 13.49 -15.39 -3.83
C VAL B 80 14.15 -14.55 -2.76
N ASN B 81 14.82 -13.48 -3.20
CA ASN B 81 15.65 -12.68 -2.33
C ASN B 81 15.30 -11.21 -2.49
N ILE B 82 14.78 -10.61 -1.42
CA ILE B 82 14.35 -9.23 -1.45
C ILE B 82 15.51 -8.32 -1.07
N ILE B 83 15.75 -7.30 -1.88
CA ILE B 83 16.71 -6.27 -1.53
C ILE B 83 15.98 -4.94 -1.59
N ALA B 84 15.71 -4.35 -0.43
CA ALA B 84 15.07 -3.04 -0.36
C ALA B 84 16.14 -2.03 0.03
N PRO B 85 16.72 -1.35 -0.96
CA PRO B 85 17.84 -0.44 -0.68
C PRO B 85 17.48 0.51 0.46
N TYR B 86 16.27 1.09 0.42
CA TYR B 86 15.73 1.81 1.57
C TYR B 86 14.51 1.07 2.12
N TYR B 87 14.58 0.71 3.40
CA TYR B 87 13.54 -0.07 4.06
C TYR B 87 12.57 0.85 4.79
N GLY B 88 11.34 0.94 4.28
CA GLY B 88 10.31 1.76 4.90
C GLY B 88 9.90 1.27 6.27
N TYR B 89 9.40 2.19 7.09
CA TYR B 89 8.81 1.87 8.40
C TYR B 89 9.78 1.42 9.49
N ALA B 90 11.08 1.46 9.18
CA ALA B 90 12.12 1.09 10.13
C ALA B 90 12.11 2.01 11.34
N ARG B 91 11.56 3.20 11.18
CA ARG B 91 11.44 4.15 12.28
C ARG B 91 10.35 3.79 13.29
N GLN B 92 9.41 3.00 12.85
CA GLN B 92 8.34 2.53 13.74
C GLN B 92 8.59 1.07 14.07
N HIS B 93 9.61 0.81 14.89
CA HIS B 93 10.08 -0.54 15.15
C HIS B 93 9.70 -1.03 16.54
N GLN B 94 8.90 -0.25 17.24
CA GLN B 94 8.29 -0.65 18.50
C GLN B 94 7.01 0.15 18.65
N ARG B 95 6.20 -0.19 19.66
CA ARG B 95 5.08 0.68 20.03
C ARG B 95 5.58 1.75 21.01
N TYR B 96 5.42 3.01 20.63
CA TYR B 96 5.84 4.11 21.48
C TYR B 96 4.70 4.59 22.35
N LYS B 97 3.49 4.20 21.99
CA LYS B 97 2.29 4.46 22.80
C LYS B 97 1.38 3.24 22.67
N ASN B 98 0.49 3.03 23.65
CA ASN B 98 -0.44 1.91 23.54
C ASN B 98 -1.28 2.02 22.26
N GLY B 99 -1.45 0.88 21.59
CA GLY B 99 -2.30 0.82 20.42
C GLY B 99 -1.67 1.31 19.12
N GLU B 100 -0.37 1.52 19.12
CA GLU B 100 0.34 1.82 17.87
C GLU B 100 0.69 0.51 17.20
N PRO B 101 0.83 0.52 15.88
CA PRO B 101 1.39 -0.65 15.21
C PRO B 101 2.88 -0.73 15.45
N ILE B 102 3.44 -1.93 15.38
CA ILE B 102 4.88 -2.06 15.16
C ILE B 102 4.97 -2.28 13.68
N SER B 103 4.92 -1.19 12.93
CA SER B 103 4.83 -1.26 11.47
C SER B 103 5.95 -2.08 10.85
N SER B 104 7.18 -1.91 11.33
CA SER B 104 8.31 -2.65 10.76
C SER B 104 8.19 -4.15 11.04
N GLN B 105 7.51 -4.51 12.11
CA GLN B 105 7.31 -5.91 12.46
C GLN B 105 6.35 -6.60 11.48
N ILE B 106 5.12 -6.10 11.36
CA ILE B 106 4.16 -6.77 10.49
C ILE B 106 4.64 -6.78 9.02
N LEU B 107 5.23 -5.68 8.58
CA LEU B 107 5.67 -5.60 7.18
C LEU B 107 6.84 -6.55 6.91
N THR B 108 7.73 -6.69 7.88
CA THR B 108 8.87 -7.60 7.75
C THR B 108 8.37 -9.06 7.76
N GLU B 109 7.40 -9.35 8.61
CA GLU B 109 6.79 -10.67 8.65
C GLU B 109 6.20 -11.05 7.29
N ILE B 110 5.54 -10.08 6.65
CA ILE B 110 4.97 -10.32 5.33
C ILE B 110 6.05 -10.61 4.30
N TYR B 111 7.06 -9.75 4.22
CA TYR B 111 8.12 -9.96 3.23
C TYR B 111 8.82 -11.30 3.46
N SER B 112 9.07 -11.60 4.74
CA SER B 112 9.77 -12.83 5.10
C SER B 112 8.98 -14.07 4.69
N SER B 113 7.65 -13.97 4.77
CA SER B 113 6.77 -15.09 4.43
C SER B 113 6.87 -15.50 2.96
N TYR B 114 7.26 -14.55 2.10
CA TYR B 114 7.23 -14.78 0.67
C TYR B 114 8.61 -14.73 0.02
N SER B 115 9.65 -14.77 0.85
CA SER B 115 11.02 -14.74 0.37
C SER B 115 11.89 -15.75 1.10
N ASN B 116 13.11 -15.95 0.59
CA ASN B 116 14.11 -16.77 1.24
C ASN B 116 15.12 -15.92 2.00
N SER B 117 15.17 -14.64 1.67
CA SER B 117 16.06 -13.71 2.36
C SER B 117 15.65 -12.27 2.11
N ILE B 118 16.08 -11.38 3.01
CA ILE B 118 15.84 -9.95 2.86
C ILE B 118 17.15 -9.22 3.15
N ALA B 119 17.37 -8.12 2.43
CA ALA B 119 18.52 -7.27 2.70
C ALA B 119 18.09 -5.83 2.48
N THR B 120 18.75 -4.92 3.19
CA THR B 120 18.57 -3.49 2.98
C THR B 120 19.91 -2.79 3.22
N VAL B 121 20.01 -1.51 2.88
CA VAL B 121 21.24 -0.78 3.11
C VAL B 121 21.02 0.17 4.28
N ASP B 122 21.78 -0.02 5.35
CA ASP B 122 21.72 0.88 6.51
C ASP B 122 20.32 1.11 7.06
N ILE B 123 19.77 0.05 7.63
CA ILE B 123 18.44 0.13 8.22
C ILE B 123 18.50 1.11 9.38
N HIS B 124 17.40 1.80 9.62
CA HIS B 124 17.35 2.65 10.79
C HIS B 124 16.99 1.79 12.00
N ASP B 125 18.00 1.41 12.75
CA ASP B 125 17.83 0.56 13.92
C ASP B 125 17.67 -0.92 13.57
N GLU B 126 18.69 -1.70 13.91
CA GLU B 126 18.72 -3.11 13.56
C GLU B 126 17.73 -3.99 14.34
N LYS B 127 16.97 -3.39 15.25
CA LYS B 127 15.91 -4.12 15.94
C LYS B 127 15.03 -4.87 14.95
N THR B 128 14.69 -4.18 13.86
CA THR B 128 13.77 -4.72 12.87
C THR B 128 14.27 -6.01 12.21
N LEU B 129 15.59 -6.20 12.19
CA LEU B 129 16.14 -7.41 11.62
C LEU B 129 15.57 -8.63 12.33
N SER B 130 15.33 -8.50 13.64
CA SER B 130 14.87 -9.62 14.46
C SER B 130 13.41 -9.99 14.21
N TYR B 131 12.71 -9.18 13.42
CA TYR B 131 11.30 -9.46 13.10
C TYR B 131 11.15 -10.40 11.93
N SER B 132 12.26 -10.72 11.25
CA SER B 132 12.22 -11.53 10.04
C SER B 132 12.54 -13.00 10.32
N LYS B 133 11.72 -13.90 9.77
CA LYS B 133 11.95 -15.33 9.89
C LYS B 133 13.16 -15.76 9.08
N VAL B 134 13.32 -15.16 7.90
CA VAL B 134 14.48 -15.43 7.07
C VAL B 134 15.63 -14.50 7.44
N LYS B 135 16.83 -14.81 6.96
CA LYS B 135 17.99 -13.96 7.23
C LYS B 135 17.76 -12.57 6.68
N PHE B 136 17.96 -11.56 7.52
CA PHE B 136 17.73 -10.17 7.14
C PHE B 136 19.04 -9.43 7.34
N SER B 137 19.73 -9.20 6.23
CA SER B 137 21.07 -8.63 6.24
C SER B 137 21.02 -7.11 6.14
N ASP B 138 21.85 -6.46 6.95
CA ASP B 138 21.99 -5.01 6.96
C ASP B 138 23.31 -4.62 6.28
N LEU B 139 23.22 -4.26 5.00
CA LEU B 139 24.40 -3.84 4.25
C LEU B 139 24.78 -2.41 4.63
N HIS B 140 25.99 -1.99 4.30
CA HIS B 140 26.45 -0.67 4.71
C HIS B 140 27.08 0.14 3.58
N ALA B 141 26.71 1.40 3.51
CA ALA B 141 27.23 2.29 2.48
C ALA B 141 28.57 2.88 2.87
N ASN B 142 29.11 2.48 4.02
CA ASN B 142 30.34 3.09 4.53
C ASN B 142 31.47 3.18 3.50
N ASP B 143 31.78 2.06 2.86
CA ASP B 143 32.94 2.01 1.96
C ASP B 143 32.70 2.89 0.75
N ALA B 144 31.46 2.95 0.28
CA ALA B 144 31.12 3.80 -0.85
C ALA B 144 31.31 5.27 -0.49
N ILE B 145 30.89 5.64 0.72
CA ILE B 145 31.05 7.02 1.17
C ILE B 145 32.54 7.33 1.31
N VAL B 146 33.28 6.40 1.88
CA VAL B 146 34.73 6.55 1.99
C VAL B 146 35.35 6.76 0.61
N ARG B 147 34.96 5.96 -0.37
CA ARG B 147 35.57 6.03 -1.70
C ARG B 147 35.33 7.39 -2.32
N TYR B 148 34.21 8.00 -2.00
CA TYR B 148 33.91 9.33 -2.53
C TYR B 148 34.77 10.40 -1.85
N TYR B 149 34.87 10.32 -0.53
CA TYR B 149 35.51 11.40 0.24
C TYR B 149 37.01 11.26 0.43
N LYS B 150 37.58 10.16 -0.04
CA LYS B 150 39.03 10.05 0.01
C LYS B 150 39.64 11.09 -0.91
N ASN B 151 38.84 11.55 -1.87
CA ASN B 151 39.25 12.61 -2.79
C ASN B 151 38.66 13.97 -2.43
N VAL B 152 38.32 14.14 -1.17
CA VAL B 152 37.85 15.43 -0.67
C VAL B 152 38.72 15.83 0.53
N ASP B 153 38.99 17.12 0.64
CA ASP B 153 39.77 17.63 1.77
C ASP B 153 38.83 17.68 2.97
N VAL B 154 39.06 16.76 3.91
CA VAL B 154 38.22 16.65 5.10
C VAL B 154 39.08 16.65 6.36
N ASP B 155 38.67 17.37 7.39
CA ASP B 155 39.39 17.36 8.66
C ASP B 155 38.72 16.46 9.70
N TYR B 156 37.40 16.58 9.84
CA TYR B 156 36.67 15.76 10.80
C TYR B 156 35.44 15.17 10.15
N VAL B 157 35.10 13.95 10.55
CA VAL B 157 33.79 13.40 10.21
C VAL B 157 32.93 13.60 11.45
N VAL B 158 31.65 13.91 11.24
CA VAL B 158 30.79 14.36 12.33
C VAL B 158 29.44 13.67 12.31
N SER B 159 29.00 13.20 13.46
CA SER B 159 27.62 12.79 13.60
C SER B 159 26.78 13.94 14.15
N PRO B 160 25.59 14.16 13.56
CA PRO B 160 24.67 15.26 13.87
C PRO B 160 24.00 15.07 15.23
N ASP B 161 24.00 13.84 15.73
CA ASP B 161 23.44 13.53 17.04
C ASP B 161 24.28 12.43 17.67
N ASP B 162 23.93 12.02 18.88
CA ASP B 162 24.77 11.06 19.59
C ASP B 162 24.35 9.61 19.34
N GLY B 163 23.77 9.35 18.17
CA GLY B 163 23.28 8.03 17.83
C GLY B 163 23.89 7.32 16.62
N GLY B 164 24.28 8.07 15.59
CA GLY B 164 24.92 7.47 14.43
C GLY B 164 26.43 7.40 14.59
N LEU B 165 26.87 7.02 15.80
CA LEU B 165 28.28 7.09 16.14
C LEU B 165 29.16 6.01 15.53
N ALA B 166 28.69 4.78 15.50
CA ALA B 166 29.50 3.68 14.97
C ALA B 166 29.84 3.89 13.50
N ARG B 167 28.87 4.38 12.74
CA ARG B 167 29.05 4.65 11.33
C ARG B 167 30.11 5.73 11.12
N VAL B 168 30.02 6.80 11.89
CA VAL B 168 30.97 7.90 11.76
C VAL B 168 32.37 7.49 12.22
N ALA B 169 32.44 6.65 13.24
CA ALA B 169 33.72 6.12 13.69
C ALA B 169 34.34 5.26 12.59
N ASP B 170 33.52 4.44 11.94
CA ASP B 170 34.04 3.57 10.89
C ASP B 170 34.51 4.37 9.68
N ILE B 171 33.70 5.33 9.26
CA ILE B 171 34.03 6.13 8.09
C ILE B 171 35.28 7.00 8.31
N SER B 172 35.38 7.65 9.47
CA SER B 172 36.56 8.48 9.74
C SER B 172 37.83 7.63 9.79
N ALA B 173 37.76 6.45 10.39
CA ALA B 173 38.94 5.60 10.48
C ALA B 173 39.41 5.22 9.07
N LYS B 174 38.47 4.87 8.20
CA LYS B 174 38.80 4.49 6.83
C LYS B 174 39.31 5.67 6.01
N LEU B 175 38.97 6.89 6.44
CA LEU B 175 39.49 8.08 5.79
C LEU B 175 40.79 8.55 6.46
N GLY B 176 41.11 7.97 7.61
CA GLY B 176 42.29 8.35 8.38
C GLY B 176 42.08 9.67 9.10
N LYS B 177 40.83 9.96 9.44
CA LYS B 177 40.47 11.23 10.07
C LYS B 177 39.94 11.06 11.48
N LYS B 178 39.97 12.15 12.26
CA LYS B 178 39.30 12.18 13.55
C LYS B 178 37.83 12.48 13.39
N HIS B 179 37.07 12.32 14.46
CA HIS B 179 35.63 12.53 14.39
C HIS B 179 35.09 13.05 15.72
N PHE B 180 33.89 13.59 15.67
CA PHE B 180 33.18 13.96 16.88
C PHE B 180 31.69 13.91 16.59
N PHE B 181 30.89 14.09 17.62
CA PHE B 181 29.45 14.14 17.42
C PHE B 181 28.87 15.35 18.14
N ILE B 182 27.68 15.74 17.71
CA ILE B 182 26.99 16.87 18.31
C ILE B 182 25.80 16.36 19.10
N GLU B 183 25.74 16.73 20.37
CA GLU B 183 24.57 16.44 21.19
C GLU B 183 23.72 17.69 21.23
N LYS B 184 22.53 17.62 20.63
CA LYS B 184 21.59 18.72 20.69
C LYS B 184 20.42 18.35 21.57
N LYS B 185 20.08 19.25 22.49
CA LYS B 185 18.95 19.02 23.35
C LYS B 185 18.25 20.33 23.68
N ARG B 186 16.95 20.24 23.91
CA ARG B 186 16.18 21.41 24.24
C ARG B 186 15.89 21.42 25.72
N ILE B 187 16.15 22.55 26.36
CA ILE B 187 15.95 22.69 27.80
C ILE B 187 15.16 23.96 28.02
N ASP B 188 13.85 23.81 28.21
CA ASP B 188 12.97 24.95 28.46
C ASP B 188 12.97 25.95 27.31
N ASP B 189 12.69 25.46 26.10
CA ASP B 189 12.54 26.33 24.94
C ASP B 189 13.87 26.79 24.31
N ARG B 190 14.95 26.78 25.10
CA ARG B 190 16.27 27.03 24.54
C ARG B 190 16.96 25.75 24.10
N THR B 191 17.72 25.83 23.02
CA THR B 191 18.48 24.69 22.52
C THR B 191 19.92 24.76 22.98
N VAL B 192 20.41 23.66 23.53
CA VAL B 192 21.81 23.56 23.96
C VAL B 192 22.51 22.48 23.14
N GLU B 193 23.68 22.82 22.61
CA GLU B 193 24.47 21.86 21.84
C GLU B 193 25.86 21.68 22.42
N MET B 194 26.32 20.44 22.44
CA MET B 194 27.66 20.11 22.93
C MET B 194 28.38 19.33 21.83
N LYS B 195 29.62 19.70 21.56
CA LYS B 195 30.47 18.88 20.69
C LYS B 195 31.24 17.89 21.55
N VAL B 196 31.27 16.63 21.13
CA VAL B 196 31.92 15.58 21.91
C VAL B 196 32.85 14.74 21.04
N PRO B 197 34.17 14.83 21.28
CA PRO B 197 34.81 15.76 22.22
C PRO B 197 34.65 17.19 21.73
N ASN B 198 35.08 18.17 22.54
CA ASN B 198 34.80 19.56 22.22
C ASN B 198 35.79 20.14 21.22
N VAL B 199 35.68 19.64 19.99
CA VAL B 199 36.59 19.96 18.91
C VAL B 199 36.49 21.42 18.48
N ASP B 200 37.63 22.05 18.25
CA ASP B 200 37.67 23.40 17.72
C ASP B 200 37.53 23.33 16.20
N VAL B 201 36.38 23.73 15.68
CA VAL B 201 36.13 23.59 14.24
C VAL B 201 36.50 24.83 13.43
N ASN B 202 37.10 25.82 14.09
CA ASN B 202 37.51 27.04 13.41
C ASN B 202 38.49 26.75 12.28
N GLY B 203 38.12 27.13 11.06
CA GLY B 203 38.96 26.90 9.89
C GLY B 203 39.02 25.46 9.41
N LYS B 204 38.13 24.62 9.92
CA LYS B 204 38.18 23.18 9.64
C LYS B 204 37.10 22.75 8.65
N LYS B 205 37.42 21.71 7.87
CA LYS B 205 36.47 21.14 6.92
C LYS B 205 35.83 19.89 7.50
N LEU B 206 34.50 19.88 7.52
CA LEU B 206 33.74 18.89 8.25
C LEU B 206 32.86 18.09 7.32
N LEU B 207 32.81 16.78 7.53
CA LEU B 207 31.87 15.91 6.81
C LEU B 207 30.83 15.40 7.78
N ILE B 208 29.60 15.89 7.64
CA ILE B 208 28.52 15.44 8.50
C ILE B 208 27.85 14.22 7.84
N VAL B 209 27.67 13.15 8.60
CA VAL B 209 27.05 11.93 8.05
C VAL B 209 25.87 11.45 8.89
N ASP B 210 24.76 11.15 8.23
CA ASP B 210 23.61 10.57 8.90
C ASP B 210 23.08 9.40 8.07
N ASP B 211 22.11 8.66 8.61
CA ASP B 211 21.56 7.56 7.83
C ASP B 211 20.50 8.08 6.88
N ILE B 212 19.60 8.90 7.40
CA ILE B 212 18.48 9.43 6.64
C ILE B 212 18.40 10.94 6.71
N ILE B 213 18.19 11.58 5.57
CA ILE B 213 17.76 12.97 5.57
C ILE B 213 16.31 13.01 5.15
N SER B 214 15.44 13.35 6.09
CA SER B 214 14.03 13.51 5.79
C SER B 214 13.69 15.00 5.78
N THR B 215 13.29 15.54 6.93
CA THR B 215 13.02 16.97 7.02
C THR B 215 14.30 17.79 7.15
N GLY B 216 15.39 17.11 7.51
CA GLY B 216 16.70 17.74 7.55
C GLY B 216 16.90 18.77 8.65
N GLY B 217 15.97 18.84 9.59
CA GLY B 217 16.07 19.81 10.68
C GLY B 217 17.35 19.71 11.49
N THR B 218 17.64 18.51 11.96
CA THR B 218 18.81 18.29 12.81
C THR B 218 20.10 18.72 12.10
N ILE B 219 20.26 18.26 10.86
CA ILE B 219 21.48 18.56 10.11
C ILE B 219 21.57 20.06 9.77
N ALA B 220 20.44 20.66 9.40
CA ALA B 220 20.46 22.07 9.03
C ALA B 220 20.90 22.93 10.21
N LYS B 221 20.39 22.59 11.39
CA LYS B 221 20.70 23.33 12.61
C LYS B 221 22.17 23.15 12.96
N SER B 222 22.63 21.91 12.96
CA SER B 222 24.02 21.63 13.29
C SER B 222 24.97 22.32 12.32
N SER B 223 24.62 22.31 11.04
CA SER B 223 25.44 22.97 10.02
C SER B 223 25.57 24.46 10.35
N GLY B 224 24.46 25.05 10.78
CA GLY B 224 24.43 26.47 11.14
C GLY B 224 25.33 26.74 12.32
N LEU B 225 25.21 25.89 13.34
CA LEU B 225 26.07 25.96 14.51
C LEU B 225 27.54 25.90 14.13
N LEU B 226 27.90 24.87 13.36
CA LEU B 226 29.28 24.66 12.95
C LEU B 226 29.79 25.81 12.10
N ARG B 227 28.93 26.34 11.23
CA ARG B 227 29.31 27.46 10.38
C ARG B 227 29.58 28.71 11.23
N GLU B 228 28.74 28.93 12.24
CA GLU B 228 28.88 30.06 13.15
C GLU B 228 30.20 30.00 13.91
N LYS B 229 30.63 28.77 14.22
CA LYS B 229 31.85 28.55 14.98
C LYS B 229 33.10 28.61 14.09
N GLY B 230 32.91 28.86 12.79
CA GLY B 230 34.05 29.08 11.92
C GLY B 230 34.49 27.96 10.99
N ALA B 231 33.69 26.91 10.88
CA ALA B 231 34.02 25.84 9.91
C ALA B 231 34.21 26.44 8.52
N SER B 232 35.23 25.97 7.80
CA SER B 232 35.52 26.56 6.50
C SER B 232 34.75 25.90 5.38
N LYS B 233 34.53 24.59 5.52
CA LYS B 233 33.67 23.86 4.58
C LYS B 233 32.82 22.84 5.32
N ILE B 234 31.58 22.66 4.87
CA ILE B 234 30.70 21.66 5.46
C ILE B 234 30.09 20.81 4.35
N TYR B 235 30.41 19.52 4.37
CA TYR B 235 29.80 18.57 3.45
C TYR B 235 28.79 17.75 4.22
N VAL B 236 27.64 17.49 3.60
CA VAL B 236 26.61 16.71 4.26
C VAL B 236 26.35 15.47 3.43
N SER B 237 26.44 14.31 4.07
CA SER B 237 26.11 13.07 3.38
C SER B 237 25.16 12.25 4.23
N ALA B 238 24.32 11.49 3.55
CA ALA B 238 23.47 10.53 4.20
C ALA B 238 23.28 9.37 3.23
N VAL B 239 22.91 8.21 3.76
CA VAL B 239 22.65 7.07 2.90
C VAL B 239 21.36 7.29 2.14
N HIS B 240 20.29 7.65 2.85
CA HIS B 240 18.96 7.75 2.26
C HIS B 240 18.47 9.19 2.17
N GLY B 241 18.51 9.76 0.96
CA GLY B 241 18.07 11.14 0.76
C GLY B 241 16.60 11.26 0.39
N LEU B 242 15.73 11.33 1.40
CA LEU B 242 14.29 11.45 1.15
C LEU B 242 13.92 12.89 0.79
N PHE B 243 14.56 13.85 1.44
CA PHE B 243 14.39 15.28 1.16
C PHE B 243 12.93 15.72 1.10
N VAL B 244 12.28 15.76 2.26
CA VAL B 244 10.92 16.28 2.33
C VAL B 244 10.91 17.78 2.68
N ASN B 245 9.88 18.48 2.22
CA ASN B 245 9.60 19.85 2.71
C ASN B 245 10.71 20.88 2.57
N GLY B 246 11.50 20.81 1.50
CA GLY B 246 12.55 21.80 1.28
C GLY B 246 13.84 21.55 2.06
N SER B 247 13.91 20.39 2.71
CA SER B 247 15.08 20.01 3.51
C SER B 247 16.44 20.30 2.87
N GLU B 248 16.61 19.96 1.58
CA GLU B 248 17.92 20.16 0.97
C GLU B 248 18.30 21.64 0.92
N ASN B 249 17.32 22.50 0.70
CA ASN B 249 17.56 23.93 0.68
C ASN B 249 17.82 24.49 2.07
N LYS B 250 17.11 23.97 3.07
CA LYS B 250 17.36 24.33 4.46
C LYS B 250 18.79 23.98 4.85
N ILE B 251 19.22 22.80 4.47
CA ILE B 251 20.59 22.38 4.76
C ILE B 251 21.62 23.24 4.03
N LEU B 252 21.35 23.52 2.76
CA LEU B 252 22.31 24.26 1.95
C LEU B 252 22.41 25.74 2.32
N GLN B 253 21.57 26.19 3.24
CA GLN B 253 21.70 27.54 3.79
C GLN B 253 23.04 27.68 4.48
N ASN B 254 23.54 26.57 5.04
CA ASN B 254 24.76 26.60 5.84
C ASN B 254 25.82 25.56 5.48
N ALA B 255 25.40 24.50 4.79
CA ALA B 255 26.34 23.52 4.26
C ALA B 255 26.72 23.90 2.83
N ASP B 256 27.87 23.43 2.38
CA ASP B 256 28.35 23.72 1.03
C ASP B 256 27.80 22.77 -0.01
N GLU B 257 27.78 21.48 0.32
CA GLU B 257 27.37 20.46 -0.64
C GLU B 257 26.65 19.33 0.06
N ILE B 258 25.72 18.69 -0.65
CA ILE B 258 25.07 17.48 -0.16
C ILE B 258 25.37 16.35 -1.13
N HIS B 259 25.79 15.20 -0.61
CA HIS B 259 25.99 14.01 -1.44
C HIS B 259 25.38 12.81 -0.74
N VAL B 260 24.40 12.17 -1.38
CA VAL B 260 23.78 10.98 -0.80
C VAL B 260 23.93 9.81 -1.76
N THR B 261 23.44 8.64 -1.37
CA THR B 261 23.58 7.47 -2.25
C THR B 261 22.39 7.32 -3.18
N ASP B 262 22.40 6.24 -3.94
CA ASP B 262 21.33 5.97 -4.89
C ASP B 262 20.28 5.02 -4.33
N THR B 263 20.31 4.75 -3.03
CA THR B 263 19.22 3.95 -2.43
C THR B 263 17.88 4.63 -2.71
N VAL B 264 17.88 5.94 -2.55
CA VAL B 264 16.75 6.77 -2.97
C VAL B 264 17.31 7.75 -4.00
N GLU B 265 16.85 7.62 -5.24
CA GLU B 265 17.48 8.37 -6.33
C GLU B 265 17.00 9.82 -6.38
N SER B 266 17.93 10.75 -6.33
CA SER B 266 17.62 12.16 -6.53
C SER B 266 18.81 12.80 -7.23
N LYS B 267 18.73 14.10 -7.50
CA LYS B 267 19.86 14.77 -8.13
C LYS B 267 21.07 14.86 -7.21
N PHE B 268 20.91 14.45 -5.95
CA PHE B 268 22.03 14.49 -5.01
C PHE B 268 22.70 13.13 -4.85
N SER B 269 22.20 12.14 -5.60
CA SER B 269 22.70 10.78 -5.51
C SER B 269 24.04 10.59 -6.24
N ASP B 270 25.13 11.03 -5.60
CA ASP B 270 26.48 11.02 -6.19
C ASP B 270 27.32 9.82 -5.77
N ILE B 271 26.83 9.06 -4.82
CA ILE B 271 27.58 7.94 -4.28
C ILE B 271 26.75 6.66 -4.49
N SER B 272 27.22 5.75 -5.33
CA SER B 272 26.45 4.55 -5.61
C SER B 272 26.81 3.44 -4.64
N VAL B 273 25.81 2.67 -4.22
CA VAL B 273 26.08 1.50 -3.39
C VAL B 273 26.01 0.21 -4.20
N TYR B 274 26.12 0.33 -5.53
CA TYR B 274 26.01 -0.86 -6.37
C TYR B 274 27.01 -1.96 -6.02
N GLN B 275 28.24 -1.59 -5.69
CA GLN B 275 29.26 -2.60 -5.41
C GLN B 275 28.92 -3.37 -4.12
N GLU B 276 28.44 -2.65 -3.10
CA GLU B 276 28.09 -3.30 -1.85
C GLU B 276 26.94 -4.30 -2.02
N VAL B 277 25.97 -3.95 -2.86
CA VAL B 277 24.85 -4.84 -3.11
C VAL B 277 25.28 -6.04 -3.99
N CYS B 278 26.15 -5.77 -4.96
CA CYS B 278 26.67 -6.84 -5.82
C CYS B 278 27.43 -7.87 -4.99
N ASN B 279 28.19 -7.40 -4.01
CA ASN B 279 28.95 -8.30 -3.16
C ASN B 279 28.03 -9.21 -2.35
N TYR B 280 26.93 -8.63 -1.87
CA TYR B 280 25.92 -9.40 -1.17
C TYR B 280 25.25 -10.42 -2.10
N ILE B 281 24.88 -9.97 -3.30
CA ILE B 281 24.26 -10.87 -4.28
C ILE B 281 25.18 -12.03 -4.62
N ARG B 282 26.48 -11.75 -4.80
CA ARG B 282 27.44 -12.80 -5.12
C ARG B 282 27.48 -13.85 -4.01
N ASP B 283 27.44 -13.40 -2.76
CA ASP B 283 27.46 -14.32 -1.62
C ASP B 283 26.26 -15.27 -1.62
N ILE B 284 25.06 -14.72 -1.83
CA ILE B 284 23.85 -15.54 -1.84
C ILE B 284 23.78 -16.41 -3.09
N ASP B 285 24.62 -16.09 -4.08
CA ASP B 285 24.88 -16.98 -5.20
C ASP B 285 24.03 -16.71 -6.44
N ALA B 286 24.50 -17.19 -7.59
CA ALA B 286 23.78 -17.16 -8.86
C ALA B 286 24.53 -16.37 -9.93
#